data_3SL7
#
_entry.id   3SL7
#
_cell.length_a   73.045
_cell.length_b   73.045
_cell.length_c   253.453
_cell.angle_alpha   90.00
_cell.angle_beta   90.00
_cell.angle_gamma   120.00
#
_symmetry.space_group_name_H-M   'P 65 2 2'
#
loop_
_entity.id
_entity.type
_entity.pdbx_description
1 polymer 'CBS domain-containing protein CBSX2'
2 non-polymer 'ACETATE ION'
3 non-polymer GLYCEROL
4 water water
#
_entity_poly.entity_id   1
_entity_poly.type   'polypeptide(L)'
_entity_poly.pdbx_seq_one_letter_code
;GTGYTVGDF(MSE)TPRQNLHVVKPSTSVDDALELLVEKKVTGLPVIDDNWTLVGVVSDYDLLALDSISGRSQNDTNLFP
DVDSTWKTFNELQKLISKTYGKVVGDL(MSE)TPSPLVVRDSTNLEDAARLLLETKFRRLPVVDADGKLIGILTRGNVVR
AALQIKRNADSISGRSQNDTNLFPDVDS
;
_entity_poly.pdbx_strand_id   A,B
#
# COMPACT_ATOMS: atom_id res chain seq x y z
N THR A 2 28.58 8.67 -8.16
CA THR A 2 28.01 9.07 -9.44
C THR A 2 26.61 8.51 -9.66
N GLY A 3 25.67 9.38 -10.01
CA GLY A 3 24.28 8.99 -10.20
C GLY A 3 23.44 9.45 -9.01
N TYR A 4 22.14 9.20 -9.06
CA TYR A 4 21.28 9.63 -7.96
C TYR A 4 21.50 8.81 -6.68
N THR A 5 21.05 9.35 -5.56
CA THR A 5 21.23 8.67 -4.29
C THR A 5 19.86 8.51 -3.60
N VAL A 6 19.81 7.63 -2.60
CA VAL A 6 18.58 7.45 -1.83
C VAL A 6 18.03 8.78 -1.36
N GLY A 7 18.91 9.65 -0.85
CA GLY A 7 18.45 10.89 -0.26
C GLY A 7 17.66 11.77 -1.22
N ASP A 8 17.90 11.57 -2.50
CA ASP A 8 17.22 12.36 -3.53
C ASP A 8 15.74 11.99 -3.70
N PHE A 9 15.38 10.77 -3.31
CA PHE A 9 14.02 10.28 -3.59
C PHE A 9 13.32 9.55 -2.46
N THR A 11 11.34 8.77 1.11
CA THR A 11 10.26 9.35 1.87
C THR A 11 10.86 10.03 3.09
N PRO A 12 10.61 11.34 3.22
CA PRO A 12 11.12 12.16 4.33
C PRO A 12 10.65 11.62 5.68
N ARG A 13 11.41 11.93 6.73
CA ARG A 13 11.05 11.54 8.09
C ARG A 13 9.63 11.98 8.43
N GLN A 14 9.25 13.18 7.98
CA GLN A 14 7.96 13.75 8.35
C GLN A 14 6.79 12.94 7.81
N ASN A 15 7.06 12.07 6.84
CA ASN A 15 5.99 11.25 6.28
C ASN A 15 6.06 9.79 6.71
N LEU A 16 6.94 9.49 7.66
CA LEU A 16 7.05 8.13 8.18
C LEU A 16 5.94 7.85 9.16
N HIS A 17 5.59 6.57 9.28
CA HIS A 17 4.69 6.13 10.33
C HIS A 17 5.45 5.09 11.14
N VAL A 18 5.74 5.42 12.39
CA VAL A 18 6.60 4.59 13.20
C VAL A 18 5.84 4.03 14.39
N VAL A 19 6.31 2.90 14.89
CA VAL A 19 5.86 2.38 16.18
C VAL A 19 7.11 2.03 16.99
N LYS A 20 6.90 1.64 18.25
CA LYS A 20 8.00 1.21 19.09
C LYS A 20 7.81 -0.25 19.48
N PRO A 21 8.85 -0.90 20.02
CA PRO A 21 8.69 -2.30 20.39
C PRO A 21 7.59 -2.45 21.44
N SER A 22 7.32 -1.39 22.19
CA SER A 22 6.32 -1.42 23.24
C SER A 22 4.91 -1.11 22.74
N THR A 23 4.80 -0.70 21.49
CA THR A 23 3.50 -0.38 20.91
C THR A 23 2.65 -1.65 20.92
N SER A 24 1.40 -1.54 21.34
CA SER A 24 0.54 -2.73 21.36
C SER A 24 0.26 -3.13 19.92
N VAL A 25 0.02 -4.40 19.70
CA VAL A 25 -0.28 -4.90 18.37
C VAL A 25 -1.49 -4.19 17.79
N ASP A 26 -2.48 -3.96 18.65
CA ASP A 26 -3.72 -3.29 18.27
C ASP A 26 -3.47 -1.89 17.74
N ASP A 27 -2.66 -1.12 18.47
CA ASP A 27 -2.35 0.23 18.04
C ASP A 27 -1.55 0.25 16.75
N ALA A 28 -0.62 -0.71 16.59
CA ALA A 28 0.14 -0.83 15.36
C ALA A 28 -0.80 -1.15 14.19
N LEU A 29 -1.72 -2.09 14.40
CA LEU A 29 -2.72 -2.41 13.38
C LEU A 29 -3.54 -1.18 13.01
N GLU A 30 -3.96 -0.42 14.02
CA GLU A 30 -4.75 0.79 13.78
C GLU A 30 -3.97 1.79 12.93
N LEU A 31 -2.69 1.96 13.25
CA LEU A 31 -1.82 2.86 12.52
C LEU A 31 -1.65 2.39 11.08
N LEU A 32 -1.47 1.09 10.89
CA LEU A 32 -1.38 0.53 9.55
C LEU A 32 -2.59 0.91 8.72
N VAL A 33 -3.78 0.67 9.26
CA VAL A 33 -5.02 0.86 8.50
C VAL A 33 -5.35 2.34 8.33
N GLU A 34 -5.04 3.16 9.33
CA GLU A 34 -5.28 4.59 9.20
C GLU A 34 -4.33 5.27 8.22
N LYS A 35 -3.05 4.89 8.26
CA LYS A 35 -2.09 5.50 7.36
C LYS A 35 -2.05 4.76 6.02
N LYS A 36 -2.80 3.67 5.93
CA LYS A 36 -2.89 2.90 4.69
C LYS A 36 -1.53 2.39 4.23
N VAL A 37 -0.76 1.86 5.17
CA VAL A 37 0.47 1.17 4.82
C VAL A 37 0.40 -0.26 5.33
N THR A 38 1.29 -1.12 4.82
CA THR A 38 1.27 -2.51 5.23
C THR A 38 2.46 -2.86 6.10
N GLY A 39 3.38 -1.90 6.28
CA GLY A 39 4.53 -2.14 7.13
C GLY A 39 4.95 -0.87 7.81
N LEU A 40 5.67 -1.02 8.92
CA LEU A 40 6.07 0.11 9.74
C LEU A 40 7.48 -0.08 10.25
N PRO A 41 8.30 0.98 10.19
CA PRO A 41 9.58 0.93 10.86
C PRO A 41 9.34 0.99 12.36
N VAL A 42 10.16 0.28 13.12
CA VAL A 42 10.08 0.34 14.57
C VAL A 42 11.29 1.10 15.10
N ILE A 43 11.05 2.12 15.91
CA ILE A 43 12.11 2.89 16.51
C ILE A 43 12.06 2.77 18.03
N ASP A 44 13.12 3.19 18.71
CA ASP A 44 13.05 3.34 20.15
C ASP A 44 12.75 4.78 20.48
N ASP A 45 12.77 5.11 21.76
CA ASP A 45 12.39 6.44 22.24
C ASP A 45 13.24 7.57 21.62
N ASN A 46 14.44 7.24 21.14
CA ASN A 46 15.34 8.24 20.58
C ASN A 46 15.40 8.21 19.05
N TRP A 47 14.44 7.54 18.43
CA TRP A 47 14.35 7.46 16.98
C TRP A 47 15.43 6.59 16.35
N THR A 48 16.13 5.82 17.18
CA THR A 48 17.00 4.79 16.65
C THR A 48 16.15 3.71 16.01
N LEU A 49 16.49 3.35 14.77
CA LEU A 49 15.77 2.31 14.05
C LEU A 49 16.12 0.98 14.70
N VAL A 50 15.13 0.26 15.21
CA VAL A 50 15.41 -1.01 15.87
C VAL A 50 14.83 -2.22 15.15
N GLY A 51 13.90 -1.98 14.23
CA GLY A 51 13.28 -3.06 13.50
C GLY A 51 12.23 -2.58 12.54
N VAL A 52 11.58 -3.55 11.91
CA VAL A 52 10.46 -3.28 11.02
C VAL A 52 9.40 -4.32 11.34
N VAL A 53 8.14 -3.97 11.07
CA VAL A 53 7.04 -4.91 11.34
C VAL A 53 5.97 -4.71 10.28
N SER A 54 5.38 -5.82 9.84
CA SER A 54 4.40 -5.78 8.78
C SER A 54 3.05 -6.31 9.21
N ASP A 55 2.03 -6.07 8.40
CA ASP A 55 0.71 -6.65 8.67
C ASP A 55 0.80 -8.17 8.81
N TYR A 56 1.63 -8.82 7.99
CA TYR A 56 1.79 -10.27 8.04
C TYR A 56 2.40 -10.75 9.37
N ASP A 57 3.10 -9.85 10.06
CA ASP A 57 3.65 -10.18 11.38
C ASP A 57 2.60 -10.02 12.45
N LEU A 58 1.87 -8.92 12.36
CA LEU A 58 0.88 -8.56 13.37
C LEU A 58 -0.35 -9.48 13.34
N LEU A 59 -0.64 -10.05 12.18
CA LEU A 59 -1.84 -10.89 12.04
C LEU A 59 -1.52 -12.35 11.71
N ALA A 60 -0.35 -12.81 12.16
CA ALA A 60 0.06 -14.17 11.89
C ALA A 60 -0.70 -15.11 12.82
N LEU A 61 -0.39 -15.01 14.11
CA LEU A 61 -0.97 -15.87 15.16
C LEU A 61 -1.88 -16.97 14.63
N THR A 81 -1.99 -15.20 6.85
CA THR A 81 -2.93 -14.54 5.95
C THR A 81 -4.37 -15.00 6.21
N TRP A 82 -5.16 -14.14 6.85
CA TRP A 82 -6.59 -14.42 7.04
C TRP A 82 -7.30 -14.48 5.69
N LYS A 83 -8.27 -15.40 5.59
CA LYS A 83 -8.96 -15.61 4.32
C LYS A 83 -10.47 -15.37 4.42
N THR A 84 -10.96 -15.22 5.65
CA THR A 84 -12.35 -14.86 5.86
C THR A 84 -12.43 -13.87 7.01
N PHE A 85 -13.55 -13.14 7.08
CA PHE A 85 -13.74 -12.20 8.17
C PHE A 85 -13.72 -12.88 9.53
N ASN A 86 -14.32 -14.07 9.61
CA ASN A 86 -14.31 -14.80 10.86
C ASN A 86 -12.89 -15.13 11.34
N GLU A 87 -12.03 -15.56 10.41
CA GLU A 87 -10.63 -15.85 10.75
C GLU A 87 -9.93 -14.59 11.22
N LEU A 88 -10.23 -13.49 10.54
CA LEU A 88 -9.66 -12.20 10.88
C LEU A 88 -10.06 -11.79 12.30
N GLN A 89 -11.34 -11.92 12.62
CA GLN A 89 -11.80 -11.59 13.96
C GLN A 89 -11.13 -12.47 15.01
N LYS A 90 -10.90 -13.73 14.69
CA LYS A 90 -10.17 -14.62 15.60
C LYS A 90 -8.78 -14.04 15.86
N LEU A 91 -8.10 -13.62 14.80
CA LEU A 91 -6.77 -13.05 14.93
C LEU A 91 -6.83 -11.79 15.76
N ILE A 92 -7.75 -10.90 15.41
CA ILE A 92 -7.87 -9.63 16.13
C ILE A 92 -8.13 -9.88 17.61
N SER A 93 -8.88 -10.94 17.93
CA SER A 93 -9.21 -11.21 19.33
C SER A 93 -7.97 -11.61 20.11
N LYS A 94 -7.01 -12.24 19.44
CA LYS A 94 -5.81 -12.76 20.11
C LYS A 94 -4.65 -11.77 20.18
N THR A 95 -4.86 -10.53 19.75
CA THR A 95 -3.82 -9.50 19.74
C THR A 95 -3.66 -8.83 21.09
N TYR A 96 -4.71 -8.90 21.90
CA TYR A 96 -4.71 -8.26 23.22
C TYR A 96 -3.48 -8.63 24.05
N GLY A 97 -2.87 -7.62 24.66
CA GLY A 97 -1.71 -7.84 25.50
C GLY A 97 -0.42 -8.12 24.72
N LYS A 98 -0.49 -8.22 23.40
CA LYS A 98 0.73 -8.46 22.63
C LYS A 98 1.34 -7.16 22.18
N VAL A 99 2.66 -7.15 21.99
CA VAL A 99 3.35 -5.93 21.57
C VAL A 99 4.18 -6.13 20.30
N VAL A 100 4.48 -5.02 19.65
CA VAL A 100 5.25 -5.05 18.40
C VAL A 100 6.59 -5.75 18.59
N GLY A 101 7.30 -5.44 19.67
CA GLY A 101 8.59 -6.02 19.93
C GLY A 101 8.63 -7.53 19.70
N ASP A 102 7.61 -8.25 20.15
CA ASP A 102 7.62 -9.70 20.01
C ASP A 102 7.58 -10.15 18.54
N LEU A 103 6.96 -9.33 17.68
CA LEU A 103 6.60 -9.78 16.34
C LEU A 103 7.44 -9.14 15.25
N THR A 105 10.81 -7.64 13.10
CA THR A 105 12.07 -8.12 12.59
C THR A 105 13.11 -7.10 12.99
N PRO A 106 14.05 -7.52 13.85
CA PRO A 106 15.04 -6.58 14.37
C PRO A 106 16.17 -6.42 13.35
N SER A 107 16.91 -5.31 13.45
CA SER A 107 18.15 -5.19 12.70
C SER A 107 17.93 -5.35 11.20
N PRO A 108 16.94 -4.63 10.64
CA PRO A 108 16.62 -4.82 9.22
C PRO A 108 17.71 -4.24 8.34
N LEU A 109 17.65 -4.55 7.04
CA LEU A 109 18.48 -3.92 6.04
C LEU A 109 18.16 -2.45 6.02
N VAL A 110 19.20 -1.62 6.05
CA VAL A 110 19.00 -0.18 5.88
C VAL A 110 19.99 0.42 4.88
N VAL A 111 19.67 1.64 4.43
CA VAL A 111 20.58 2.37 3.56
C VAL A 111 20.83 3.73 4.19
N ARG A 112 21.73 4.48 3.58
CA ARG A 112 22.00 5.85 4.00
C ARG A 112 21.46 6.79 2.92
N ASP A 113 21.33 8.08 3.20
CA ASP A 113 20.85 8.97 2.14
C ASP A 113 21.85 9.06 0.97
N SER A 114 23.10 8.75 1.25
CA SER A 114 24.17 8.80 0.25
C SER A 114 24.24 7.53 -0.58
N THR A 115 23.48 6.52 -0.19
CA THR A 115 23.49 5.25 -0.91
C THR A 115 23.06 5.47 -2.35
N ASN A 116 23.81 4.87 -3.26
CA ASN A 116 23.50 4.92 -4.69
C ASN A 116 22.11 4.38 -4.95
N LEU A 117 21.31 5.12 -5.72
CA LEU A 117 19.91 4.76 -5.93
C LEU A 117 19.75 3.39 -6.56
N GLU A 118 20.55 3.08 -7.57
CA GLU A 118 20.47 1.78 -8.24
C GLU A 118 20.80 0.63 -7.29
N ASP A 119 21.80 0.81 -6.43
CA ASP A 119 22.11 -0.18 -5.42
C ASP A 119 20.92 -0.36 -4.49
N ALA A 120 20.38 0.75 -4.00
CA ALA A 120 19.25 0.70 -3.08
C ALA A 120 18.06 0.03 -3.73
N ALA A 121 17.82 0.33 -5.00
CA ALA A 121 16.69 -0.25 -5.72
C ALA A 121 16.77 -1.77 -5.72
N ARG A 122 17.96 -2.29 -5.99
CA ARG A 122 18.22 -3.72 -6.00
C ARG A 122 17.86 -4.34 -4.66
N LEU A 123 18.28 -3.68 -3.59
CA LEU A 123 18.07 -4.17 -2.23
C LEU A 123 16.61 -4.24 -1.85
N LEU A 124 15.83 -3.26 -2.29
CA LEU A 124 14.39 -3.26 -1.99
C LEU A 124 13.82 -4.64 -2.23
N LEU A 125 14.27 -5.27 -3.30
CA LEU A 125 13.72 -6.55 -3.69
C LEU A 125 14.31 -7.73 -2.92
N GLU A 126 15.33 -7.48 -2.12
CA GLU A 126 15.97 -8.58 -1.39
C GLU A 126 15.46 -8.69 0.05
N THR A 127 14.66 -7.73 0.49
CA THR A 127 14.08 -7.75 1.82
C THR A 127 12.57 -8.02 1.76
N LYS A 128 12.06 -8.91 2.63
CA LYS A 128 10.63 -9.21 2.61
C LYS A 128 9.81 -7.97 2.93
N PHE A 129 10.42 -7.08 3.71
CA PHE A 129 9.77 -5.80 4.04
C PHE A 129 9.53 -4.94 2.80
N ARG A 130 10.32 -5.14 1.75
CA ARG A 130 10.14 -4.39 0.49
C ARG A 130 10.20 -2.86 0.65
N ARG A 131 10.81 -2.42 1.74
CA ARG A 131 11.18 -1.02 1.91
C ARG A 131 12.53 -1.04 2.59
N LEU A 132 13.28 0.06 2.48
CA LEU A 132 14.55 0.19 3.16
C LEU A 132 14.49 1.41 4.04
N PRO A 133 14.52 1.20 5.36
CA PRO A 133 14.64 2.35 6.25
C PRO A 133 15.92 3.09 5.87
N VAL A 134 15.92 4.41 5.96
CA VAL A 134 17.13 5.18 5.72
C VAL A 134 17.57 5.74 7.06
N VAL A 135 18.81 5.50 7.43
CA VAL A 135 19.35 6.00 8.67
C VAL A 135 20.47 6.99 8.48
N ASP A 136 20.75 7.77 9.53
CA ASP A 136 21.89 8.66 9.56
C ASP A 136 23.05 7.99 10.26
N ALA A 137 24.12 8.75 10.52
CA ALA A 137 25.37 8.15 11.00
C ALA A 137 25.20 7.63 12.42
N ASP A 138 24.16 8.13 13.08
CA ASP A 138 23.79 7.69 14.42
C ASP A 138 22.73 6.58 14.42
N GLY A 139 22.39 6.05 13.27
CA GLY A 139 21.43 4.96 13.21
C GLY A 139 20.00 5.42 13.46
N LYS A 140 19.80 6.73 13.49
CA LYS A 140 18.45 7.30 13.59
C LYS A 140 17.70 7.19 12.27
N LEU A 141 16.42 6.84 12.35
CA LEU A 141 15.57 6.76 11.18
C LEU A 141 15.36 8.14 10.59
N ILE A 142 15.78 8.36 9.35
CA ILE A 142 15.60 9.68 8.75
C ILE A 142 14.70 9.63 7.52
N GLY A 143 14.39 8.42 7.08
CA GLY A 143 13.49 8.27 5.96
C GLY A 143 13.27 6.82 5.63
N ILE A 144 12.51 6.58 4.59
CA ILE A 144 12.35 5.23 4.10
C ILE A 144 12.34 5.27 2.59
N LEU A 145 12.94 4.26 1.96
CA LEU A 145 12.85 4.10 0.51
C LEU A 145 11.84 3.00 0.20
N THR A 146 10.83 3.36 -0.58
CA THR A 146 9.79 2.43 -0.95
C THR A 146 9.89 2.17 -2.44
N ARG A 147 9.24 1.13 -2.93
CA ARG A 147 9.22 0.87 -4.36
C ARG A 147 8.61 2.05 -5.08
N GLY A 148 7.57 2.63 -4.49
CA GLY A 148 6.95 3.83 -5.02
C GLY A 148 7.91 5.00 -5.18
N ASN A 149 8.79 5.19 -4.20
CA ASN A 149 9.82 6.22 -4.31
C ASN A 149 10.71 5.96 -5.52
N VAL A 150 11.05 4.69 -5.74
CA VAL A 150 11.97 4.35 -6.81
C VAL A 150 11.30 4.58 -8.15
N VAL A 151 10.03 4.22 -8.26
CA VAL A 151 9.29 4.50 -9.49
C VAL A 151 9.21 6.02 -9.73
N ARG A 152 8.95 6.76 -8.67
CA ARG A 152 8.90 8.21 -8.77
C ARG A 152 10.21 8.74 -9.32
N ALA A 153 11.33 8.15 -8.89
CA ALA A 153 12.65 8.59 -9.36
C ALA A 153 12.81 8.33 -10.85
N ALA A 154 12.48 7.11 -11.30
CA ALA A 154 12.56 6.79 -12.72
C ALA A 154 11.71 7.74 -13.56
N LEU A 155 10.52 8.06 -13.07
CA LEU A 155 9.63 8.99 -13.76
C LEU A 155 10.24 10.39 -13.85
N GLN A 156 10.73 10.91 -12.72
CA GLN A 156 11.29 12.25 -12.67
C GLN A 156 12.50 12.35 -13.59
N ILE A 157 13.28 11.29 -13.63
CA ILE A 157 14.48 11.25 -14.46
C ILE A 157 14.10 11.32 -15.93
N LYS A 158 13.14 10.51 -16.35
CA LYS A 158 12.65 10.54 -17.71
C LYS A 158 12.15 11.92 -18.10
N ARG A 159 11.40 12.55 -17.21
CA ARG A 159 10.77 13.81 -17.52
C ARG A 159 11.81 14.86 -17.87
N ASN A 160 12.94 14.82 -17.16
CA ASN A 160 14.01 15.78 -17.38
C ASN A 160 15.03 15.31 -18.40
N ALA A 161 14.59 14.43 -19.30
CA ALA A 161 15.43 13.92 -20.39
C ALA A 161 16.04 12.57 -20.04
N THR B 2 -28.45 -8.95 8.51
CA THR B 2 -27.70 -9.32 9.70
C THR B 2 -26.21 -9.09 9.55
N GLY B 3 -25.62 -8.47 10.56
CA GLY B 3 -24.19 -8.18 10.55
C GLY B 3 -23.87 -6.88 9.84
N TYR B 4 -22.61 -6.45 9.94
CA TYR B 4 -22.17 -5.21 9.30
C TYR B 4 -22.21 -5.31 7.78
N THR B 5 -22.16 -4.16 7.11
CA THR B 5 -22.16 -4.09 5.67
C THR B 5 -20.95 -3.31 5.14
N VAL B 6 -20.67 -3.45 3.85
CA VAL B 6 -19.55 -2.76 3.24
C VAL B 6 -19.62 -1.26 3.53
N GLY B 7 -20.80 -0.69 3.39
CA GLY B 7 -20.94 0.76 3.54
C GLY B 7 -20.47 1.26 4.89
N ASP B 8 -20.47 0.38 5.89
CA ASP B 8 -20.06 0.76 7.24
C ASP B 8 -18.56 1.02 7.33
N PHE B 9 -17.78 0.39 6.45
CA PHE B 9 -16.33 0.44 6.61
C PHE B 9 -15.54 0.72 5.34
N THR B 11 -13.86 2.70 2.07
CA THR B 11 -13.20 3.97 1.81
C THR B 11 -14.18 4.84 1.04
N PRO B 12 -14.52 6.00 1.61
CA PRO B 12 -15.45 6.98 1.02
C PRO B 12 -14.98 7.44 -0.34
N ARG B 13 -15.92 7.89 -1.16
CA ARG B 13 -15.63 8.39 -2.49
C ARG B 13 -14.56 9.47 -2.42
N GLN B 14 -14.64 10.32 -1.41
CA GLN B 14 -13.76 11.48 -1.29
C GLN B 14 -12.30 11.06 -1.12
N ASN B 15 -12.06 9.82 -0.74
CA ASN B 15 -10.70 9.34 -0.54
C ASN B 15 -10.20 8.41 -1.64
N LEU B 16 -11.01 8.27 -2.69
CA LEU B 16 -10.64 7.47 -3.85
C LEU B 16 -9.63 8.19 -4.72
N HIS B 17 -8.82 7.41 -5.42
CA HIS B 17 -7.94 7.94 -6.45
C HIS B 17 -8.30 7.23 -7.74
N VAL B 18 -8.88 7.98 -8.68
CA VAL B 18 -9.43 7.39 -9.88
C VAL B 18 -8.64 7.86 -11.09
N VAL B 19 -8.66 7.05 -12.15
CA VAL B 19 -8.19 7.47 -13.46
C VAL B 19 -9.27 7.08 -14.47
N LYS B 20 -9.07 7.45 -15.73
CA LYS B 20 -10.02 7.10 -16.78
C LYS B 20 -9.31 6.25 -17.81
N PRO B 21 -10.07 5.60 -18.70
CA PRO B 21 -9.40 4.78 -19.70
C PRO B 21 -8.47 5.62 -20.58
N SER B 22 -8.71 6.93 -20.61
CA SER B 22 -7.93 7.83 -21.46
C SER B 22 -6.72 8.41 -20.72
N THR B 23 -6.64 8.17 -19.42
CA THR B 23 -5.51 8.66 -18.63
C THR B 23 -4.25 8.03 -19.18
N SER B 24 -3.21 8.83 -19.42
CA SER B 24 -1.96 8.28 -19.91
C SER B 24 -1.36 7.39 -18.82
N VAL B 25 -0.61 6.37 -19.24
CA VAL B 25 0.06 5.48 -18.29
C VAL B 25 0.93 6.27 -17.33
N ASP B 26 1.65 7.26 -17.86
CA ASP B 26 2.55 8.08 -17.06
C ASP B 26 1.79 8.79 -15.94
N ASP B 27 0.65 9.36 -16.26
CA ASP B 27 -0.10 10.10 -15.27
C ASP B 27 -0.69 9.14 -14.22
N ALA B 28 -1.11 7.95 -14.65
CA ALA B 28 -1.59 6.92 -13.73
C ALA B 28 -0.47 6.51 -12.79
N LEU B 29 0.71 6.24 -13.33
CA LEU B 29 1.88 5.94 -12.51
C LEU B 29 2.16 7.05 -11.50
N GLU B 30 2.11 8.31 -11.95
CA GLU B 30 2.37 9.44 -11.06
C GLU B 30 1.37 9.47 -9.91
N LEU B 31 0.09 9.24 -10.25
CA LEU B 31 -0.97 9.18 -9.26
C LEU B 31 -0.72 8.05 -8.26
N LEU B 32 -0.37 6.87 -8.77
CA LEU B 32 -0.03 5.75 -7.90
C LEU B 32 1.04 6.15 -6.90
N VAL B 33 2.15 6.69 -7.38
CA VAL B 33 3.25 6.98 -6.49
C VAL B 33 2.95 8.16 -5.56
N GLU B 34 2.20 9.14 -6.06
CA GLU B 34 1.83 10.31 -5.29
C GLU B 34 0.87 9.97 -4.16
N LYS B 35 -0.14 9.14 -4.46
CA LYS B 35 -1.14 8.77 -3.47
C LYS B 35 -0.71 7.54 -2.70
N LYS B 36 0.44 6.97 -3.06
CA LYS B 36 0.99 5.79 -2.39
C LYS B 36 0.00 4.63 -2.40
N VAL B 37 -0.58 4.37 -3.56
CA VAL B 37 -1.38 3.17 -3.74
C VAL B 37 -0.81 2.35 -4.88
N THR B 38 -1.18 1.08 -4.95
CA THR B 38 -0.66 0.20 -5.99
C THR B 38 -1.69 -0.09 -7.06
N GLY B 39 -2.93 0.33 -6.83
CA GLY B 39 -3.99 0.10 -7.79
C GLY B 39 -5.02 1.20 -7.76
N LEU B 40 -5.75 1.34 -8.86
CA LEU B 40 -6.68 2.44 -9.05
C LEU B 40 -7.93 1.95 -9.71
N PRO B 41 -9.10 2.41 -9.24
CA PRO B 41 -10.33 2.18 -9.99
C PRO B 41 -10.34 3.09 -11.20
N VAL B 42 -10.90 2.60 -12.30
CA VAL B 42 -11.00 3.39 -13.52
C VAL B 42 -12.46 3.74 -13.74
N ILE B 43 -12.74 5.02 -13.91
CA ILE B 43 -14.10 5.47 -14.17
C ILE B 43 -14.18 6.14 -15.52
N ASP B 44 -15.39 6.35 -16.01
CA ASP B 44 -15.55 7.19 -17.18
C ASP B 44 -15.93 8.59 -16.72
N ASP B 45 -16.23 9.46 -17.69
CA ASP B 45 -16.49 10.87 -17.40
C ASP B 45 -17.64 11.08 -16.40
N ASN B 46 -18.52 10.10 -16.27
CA ASN B 46 -19.68 10.22 -15.38
C ASN B 46 -19.55 9.42 -14.09
N TRP B 47 -18.32 9.02 -13.78
CA TRP B 47 -18.05 8.25 -12.56
C TRP B 47 -18.61 6.83 -12.54
N THR B 48 -19.03 6.36 -13.71
CA THR B 48 -19.33 4.94 -13.85
C THR B 48 -18.05 4.14 -13.75
N LEU B 49 -18.06 3.14 -12.89
CA LEU B 49 -16.88 2.29 -12.71
C LEU B 49 -16.75 1.42 -13.95
N VAL B 50 -15.61 1.49 -14.62
CA VAL B 50 -15.44 0.73 -15.86
C VAL B 50 -14.32 -0.28 -15.77
N GLY B 51 -13.48 -0.14 -14.76
CA GLY B 51 -12.35 -1.04 -14.63
C GLY B 51 -11.48 -0.75 -13.44
N VAL B 52 -10.39 -1.49 -13.35
CA VAL B 52 -9.39 -1.29 -12.32
C VAL B 52 -8.04 -1.46 -13.00
N VAL B 53 -7.01 -0.81 -12.47
CA VAL B 53 -5.68 -0.95 -13.06
C VAL B 53 -4.65 -0.88 -11.95
N SER B 54 -3.57 -1.66 -12.10
CA SER B 54 -2.59 -1.78 -11.02
C SER B 54 -1.21 -1.46 -11.50
N ASP B 55 -0.29 -1.26 -10.57
CA ASP B 55 1.10 -1.07 -10.94
C ASP B 55 1.59 -2.22 -11.82
N TYR B 56 1.14 -3.43 -11.54
CA TYR B 56 1.57 -4.60 -12.31
C TYR B 56 1.02 -4.62 -13.74
N ASP B 57 -0.02 -3.83 -14.01
CA ASP B 57 -0.52 -3.64 -15.36
C ASP B 57 0.28 -2.55 -16.06
N LEU B 58 0.48 -1.44 -15.37
CA LEU B 58 1.12 -0.26 -15.95
C LEU B 58 2.60 -0.49 -16.22
N LEU B 59 3.23 -1.35 -15.43
CA LEU B 59 4.65 -1.67 -15.58
C LEU B 59 4.84 -3.15 -15.88
N ALA B 60 4.04 -3.67 -16.79
CA ALA B 60 4.13 -5.07 -17.20
C ALA B 60 5.27 -5.24 -18.19
N LEU B 61 5.53 -6.48 -18.61
CA LEU B 61 6.59 -6.77 -19.57
C LEU B 61 6.05 -7.31 -20.88
N THR B 81 7.29 -6.32 -10.91
CA THR B 81 7.76 -6.76 -12.22
C THR B 81 9.25 -6.49 -12.38
N TRP B 82 9.62 -5.22 -12.48
CA TRP B 82 11.02 -4.84 -12.62
C TRP B 82 11.83 -5.32 -11.43
N LYS B 83 13.11 -5.61 -11.67
CA LYS B 83 14.00 -6.10 -10.62
C LYS B 83 15.24 -5.23 -10.44
N THR B 84 15.48 -4.33 -11.37
CA THR B 84 16.57 -3.37 -11.24
C THR B 84 16.09 -2.01 -11.69
N PHE B 85 16.80 -0.96 -11.28
CA PHE B 85 16.45 0.39 -11.69
C PHE B 85 16.52 0.53 -13.21
N ASN B 86 17.55 -0.07 -13.81
CA ASN B 86 17.67 -0.03 -15.25
C ASN B 86 16.46 -0.63 -15.97
N GLU B 87 15.99 -1.78 -15.51
CA GLU B 87 14.81 -2.42 -16.09
C GLU B 87 13.59 -1.52 -15.93
N LEU B 88 13.48 -0.91 -14.76
CA LEU B 88 12.39 0.03 -14.48
C LEU B 88 12.42 1.22 -15.45
N GLN B 89 13.60 1.79 -15.66
CA GLN B 89 13.73 2.89 -16.60
C GLN B 89 13.30 2.46 -17.99
N LYS B 90 13.63 1.23 -18.36
CA LYS B 90 13.26 0.72 -19.67
C LYS B 90 11.75 0.70 -19.78
N LEU B 91 11.09 0.23 -18.72
CA LEU B 91 9.63 0.19 -18.69
C LEU B 91 9.04 1.60 -18.75
N ILE B 92 9.56 2.48 -17.90
CA ILE B 92 9.09 3.86 -17.91
C ILE B 92 9.26 4.51 -19.30
N SER B 93 10.32 4.17 -20.00
CA SER B 93 10.58 4.78 -21.31
C SER B 93 9.52 4.36 -22.33
N LYS B 94 8.98 3.16 -22.15
CA LYS B 94 8.04 2.59 -23.13
C LYS B 94 6.57 2.91 -22.83
N THR B 95 6.31 3.74 -21.82
CA THR B 95 4.95 4.08 -21.41
C THR B 95 4.37 5.20 -22.27
N TYR B 96 5.24 5.95 -22.92
CA TYR B 96 4.83 7.10 -23.71
C TYR B 96 3.75 6.74 -24.73
N GLY B 97 2.72 7.57 -24.81
CA GLY B 97 1.63 7.32 -25.73
C GLY B 97 0.67 6.18 -25.35
N LYS B 98 0.96 5.47 -24.28
CA LYS B 98 0.05 4.39 -23.87
C LYS B 98 -0.97 4.93 -22.88
N VAL B 99 -2.09 4.23 -22.77
CA VAL B 99 -3.21 4.76 -22.03
C VAL B 99 -3.82 3.67 -21.12
N VAL B 100 -4.45 4.10 -20.03
CA VAL B 100 -4.97 3.14 -19.03
C VAL B 100 -5.92 2.13 -19.67
N GLY B 101 -6.82 2.62 -20.51
CA GLY B 101 -7.76 1.76 -21.22
C GLY B 101 -7.12 0.51 -21.77
N ASP B 102 -5.92 0.61 -22.32
CA ASP B 102 -5.29 -0.56 -22.94
C ASP B 102 -4.85 -1.61 -21.95
N LEU B 103 -4.60 -1.21 -20.70
CA LEU B 103 -3.95 -2.08 -19.74
C LEU B 103 -4.85 -2.49 -18.59
N THR B 105 -8.21 -3.75 -16.29
CA THR B 105 -9.09 -4.90 -16.23
C THR B 105 -10.52 -4.36 -16.20
N PRO B 106 -11.30 -4.68 -17.23
CA PRO B 106 -12.64 -4.10 -17.30
C PRO B 106 -13.59 -4.93 -16.44
N SER B 107 -14.73 -4.36 -16.07
CA SER B 107 -15.79 -5.17 -15.48
C SER B 107 -15.31 -5.89 -14.24
N PRO B 108 -14.67 -5.17 -13.32
CA PRO B 108 -14.11 -5.87 -12.16
C PRO B 108 -15.20 -6.31 -11.18
N LEU B 109 -14.83 -7.18 -10.24
CA LEU B 109 -15.72 -7.55 -9.16
C LEU B 109 -16.04 -6.31 -8.35
N VAL B 110 -17.31 -6.11 -8.04
CA VAL B 110 -17.72 -5.00 -7.19
C VAL B 110 -18.72 -5.45 -6.14
N VAL B 111 -18.90 -4.62 -5.14
CA VAL B 111 -19.94 -4.82 -4.15
C VAL B 111 -20.78 -3.56 -4.04
N ARG B 112 -21.81 -3.62 -3.21
CA ARG B 112 -22.68 -2.49 -2.96
C ARG B 112 -22.41 -2.05 -1.52
N ASP B 113 -22.85 -0.86 -1.12
CA ASP B 113 -22.68 -0.52 0.30
C ASP B 113 -23.49 -1.42 1.24
N SER B 114 -24.52 -2.07 0.70
CA SER B 114 -25.38 -2.95 1.49
C SER B 114 -24.85 -4.38 1.56
N THR B 115 -23.76 -4.64 0.82
CA THR B 115 -23.22 -5.98 0.79
C THR B 115 -22.76 -6.38 2.18
N ASN B 116 -23.08 -7.61 2.57
CA ASN B 116 -22.65 -8.16 3.85
C ASN B 116 -21.13 -8.13 3.98
N LEU B 117 -20.64 -7.61 5.10
CA LEU B 117 -19.21 -7.40 5.27
C LEU B 117 -18.42 -8.71 5.12
N GLU B 118 -18.93 -9.78 5.73
CA GLU B 118 -18.22 -11.07 5.69
C GLU B 118 -18.13 -11.61 4.27
N ASP B 119 -19.22 -11.50 3.51
CA ASP B 119 -19.20 -11.85 2.09
C ASP B 119 -18.15 -11.01 1.34
N ALA B 120 -18.19 -9.70 1.53
CA ALA B 120 -17.24 -8.82 0.85
C ALA B 120 -15.81 -9.20 1.23
N ALA B 121 -15.58 -9.52 2.49
CA ALA B 121 -14.23 -9.82 2.96
C ALA B 121 -13.65 -11.02 2.20
N ARG B 122 -14.47 -12.05 2.05
CA ARG B 122 -14.13 -13.24 1.30
C ARG B 122 -13.71 -12.88 -0.14
N LEU B 123 -14.48 -11.99 -0.78
CA LEU B 123 -14.28 -11.63 -2.17
C LEU B 123 -12.96 -10.91 -2.37
N LEU B 124 -12.59 -10.07 -1.41
CA LEU B 124 -11.35 -9.32 -1.51
C LEU B 124 -10.23 -10.25 -1.97
N LEU B 125 -10.26 -11.47 -1.44
CA LEU B 125 -9.19 -12.43 -1.66
C LEU B 125 -9.38 -13.21 -2.95
N GLU B 126 -10.50 -13.01 -3.64
CA GLU B 126 -10.72 -13.76 -4.86
C GLU B 126 -10.40 -12.95 -6.12
N THR B 127 -10.06 -11.67 -5.93
CA THR B 127 -9.70 -10.79 -7.05
C THR B 127 -8.22 -10.41 -6.97
N LYS B 128 -7.52 -10.42 -8.10
CA LYS B 128 -6.10 -10.07 -8.07
C LYS B 128 -5.94 -8.62 -7.62
N PHE B 129 -6.93 -7.81 -7.90
CA PHE B 129 -6.92 -6.42 -7.47
C PHE B 129 -6.92 -6.26 -5.94
N ARG B 130 -7.42 -7.27 -5.23
CA ARG B 130 -7.38 -7.25 -3.76
C ARG B 130 -8.16 -6.09 -3.13
N ARG B 131 -9.01 -5.45 -3.92
CA ARG B 131 -9.89 -4.40 -3.43
C ARG B 131 -11.21 -4.61 -4.16
N LEU B 132 -12.29 -4.10 -3.59
CA LEU B 132 -13.59 -4.18 -4.26
C LEU B 132 -14.13 -2.79 -4.39
N PRO B 133 -14.17 -2.28 -5.65
CA PRO B 133 -14.86 -1.01 -5.84
C PRO B 133 -16.29 -1.17 -5.30
N VAL B 134 -16.84 -0.14 -4.68
CA VAL B 134 -18.22 -0.17 -4.25
C VAL B 134 -19.00 0.73 -5.19
N VAL B 135 -20.10 0.21 -5.72
CA VAL B 135 -20.92 0.98 -6.66
C VAL B 135 -22.32 1.17 -6.11
N ASP B 136 -23.03 2.15 -6.65
CA ASP B 136 -24.44 2.36 -6.32
C ASP B 136 -25.28 1.68 -7.37
N ALA B 137 -26.59 1.93 -7.35
CA ALA B 137 -27.54 1.24 -8.22
C ALA B 137 -27.34 1.62 -9.68
N ASP B 138 -26.67 2.75 -9.90
CA ASP B 138 -26.37 3.25 -11.22
C ASP B 138 -24.98 2.83 -11.69
N GLY B 139 -24.31 2.00 -10.90
CA GLY B 139 -22.98 1.56 -11.28
C GLY B 139 -21.91 2.62 -11.11
N LYS B 140 -22.26 3.74 -10.48
CA LYS B 140 -21.29 4.77 -10.14
C LYS B 140 -20.39 4.35 -9.00
N LEU B 141 -19.11 4.66 -9.11
CA LEU B 141 -18.17 4.40 -8.04
C LEU B 141 -18.48 5.26 -6.82
N ILE B 142 -18.78 4.62 -5.69
CA ILE B 142 -19.07 5.39 -4.48
C ILE B 142 -18.09 5.13 -3.35
N GLY B 143 -17.22 4.15 -3.54
CA GLY B 143 -16.23 3.84 -2.53
C GLY B 143 -15.38 2.69 -2.97
N ILE B 144 -14.47 2.28 -2.11
CA ILE B 144 -13.73 1.06 -2.35
C ILE B 144 -13.49 0.35 -1.03
N LEU B 145 -13.56 -0.98 -1.05
CA LEU B 145 -13.26 -1.78 0.13
C LEU B 145 -11.89 -2.38 -0.04
N THR B 146 -11.00 -2.07 0.89
CA THR B 146 -9.64 -2.58 0.87
C THR B 146 -9.48 -3.57 2.01
N ARG B 147 -8.42 -4.36 1.98
CA ARG B 147 -8.12 -5.24 3.10
C ARG B 147 -7.93 -4.44 4.38
N GLY B 148 -7.33 -3.26 4.26
CA GLY B 148 -7.16 -2.37 5.38
C GLY B 148 -8.48 -1.94 6.00
N ASN B 149 -9.48 -1.68 5.16
CA ASN B 149 -10.81 -1.34 5.65
C ASN B 149 -11.40 -2.49 6.46
N VAL B 150 -11.18 -3.72 6.00
CA VAL B 150 -11.75 -4.88 6.67
C VAL B 150 -11.05 -5.09 7.99
N VAL B 151 -9.74 -4.90 8.04
CA VAL B 151 -9.03 -5.00 9.31
C VAL B 151 -9.54 -3.93 10.28
N ARG B 152 -9.73 -2.72 9.77
CA ARG B 152 -10.24 -1.63 10.58
C ARG B 152 -11.59 -2.01 11.18
N ALA B 153 -12.42 -2.70 10.40
CA ALA B 153 -13.72 -3.14 10.89
C ALA B 153 -13.58 -4.15 12.04
N ALA B 154 -12.77 -5.17 11.84
CA ALA B 154 -12.53 -6.15 12.89
C ALA B 154 -12.04 -5.47 14.17
N LEU B 155 -11.15 -4.49 14.03
CA LEU B 155 -10.64 -3.75 15.19
C LEU B 155 -11.73 -2.98 15.90
N GLN B 156 -12.53 -2.26 15.13
CA GLN B 156 -13.58 -1.42 15.70
C GLN B 156 -14.61 -2.27 16.41
N ILE B 157 -14.90 -3.43 15.83
CA ILE B 157 -15.85 -4.36 16.41
C ILE B 157 -15.36 -4.88 17.75
N LYS B 158 -14.10 -5.32 17.81
CA LYS B 158 -13.51 -5.77 19.07
C LYS B 158 -13.71 -4.69 20.14
N ARG B 159 -13.70 -3.59 19.63
CA ARG B 159 -13.90 -2.48 20.55
C ARG B 159 -15.38 -2.24 20.82
N ASN B 160 -16.04 -3.23 21.40
CA ASN B 160 -17.46 -3.12 21.71
C ASN B 160 -18.00 -4.35 22.43
N ALA B 161 -18.98 -4.15 23.29
CA ALA B 161 -19.58 -5.25 24.06
C ALA B 161 -20.32 -6.21 23.14
#